data_7QF4
#
_entry.id   7QF4
#
_cell.length_a   39.930
_cell.length_b   39.930
_cell.length_c   134.650
_cell.angle_alpha   90.000
_cell.angle_beta   90.000
_cell.angle_gamma   90.000
#
_symmetry.space_group_name_H-M   'P 43 21 2'
#
loop_
_entity.id
_entity.type
_entity.pdbx_description
1 polymer 'miniSOG (R57Q mutant)'
2 non-polymer RIBOFLAVIN
3 non-polymer 'COBALT (II) ION'
4 non-polymer 'CHLORIDE ION'
5 water water
#
_entity_poly.entity_id   1
_entity_poly.type   'polypeptide(L)'
_entity_poly.pdbx_seq_one_letter_code
;MEKSFVITDPRLPDNPIIFASDGFLELTEYSREEILGRNGRFLQGPETDQATVQKIQDAIRDQREITVQLINYTKSGKKF
WNLLHLQPMRDQKGELQYFIGVQLDGEFIPNPLLALDSTRTGHHHHHH
;
_entity_poly.pdbx_strand_id   AAA
#
# COMPACT_ATOMS: atom_id res chain seq x y z
N MET A 1 -15.82 1.38 -7.01
CA MET A 1 -14.76 0.77 -7.82
C MET A 1 -14.53 -0.65 -7.31
N GLU A 2 -13.98 -1.52 -8.13
CA GLU A 2 -13.62 -2.87 -7.65
C GLU A 2 -12.56 -2.71 -6.56
N LYS A 3 -12.37 -3.73 -5.77
CA LYS A 3 -11.45 -3.65 -4.61
C LYS A 3 -10.07 -3.30 -5.09
N SER A 4 -9.45 -2.32 -4.47
CA SER A 4 -8.07 -1.90 -4.76
C SER A 4 -7.13 -2.66 -3.88
N PHE A 5 -6.22 -3.44 -4.50
CA PHE A 5 -5.13 -4.04 -3.73
C PHE A 5 -3.95 -4.26 -4.67
N VAL A 6 -2.82 -4.43 -4.00
CA VAL A 6 -1.59 -4.95 -4.63
C VAL A 6 -1.01 -6.04 -3.76
N ILE A 7 -0.31 -6.93 -4.39
CA ILE A 7 0.43 -8.00 -3.69
C ILE A 7 1.89 -7.83 -4.07
N THR A 8 2.74 -7.88 -3.04
CA THR A 8 4.22 -7.77 -3.26
C THR A 8 4.90 -9.07 -2.86
N ASP A 9 6.13 -9.21 -3.36
CA ASP A 9 6.94 -10.40 -3.10
C ASP A 9 8.12 -10.06 -2.20
N PRO A 10 8.02 -10.34 -0.90
CA PRO A 10 9.11 -9.97 0.00
C PRO A 10 10.33 -10.89 -0.11
N ARG A 11 10.27 -11.87 -1.02
CA ARG A 11 11.44 -12.73 -1.29
C ARG A 11 12.29 -12.13 -2.41
N LEU A 12 11.88 -11.00 -2.93
CA LEU A 12 12.60 -10.21 -3.96
C LEU A 12 12.90 -8.82 -3.34
N PRO A 13 13.85 -8.06 -3.92
CA PRO A 13 14.30 -6.84 -3.26
C PRO A 13 13.20 -5.79 -3.11
N ASP A 14 13.02 -5.32 -1.87
CA ASP A 14 12.16 -4.16 -1.53
C ASP A 14 10.77 -4.31 -2.09
N ASN A 15 10.13 -5.44 -1.81
CA ASN A 15 8.67 -5.62 -2.03
CA ASN A 15 8.68 -5.62 -2.04
C ASN A 15 8.17 -5.09 -3.36
N PRO A 16 8.63 -5.67 -4.49
CA PRO A 16 8.02 -5.29 -5.76
C PRO A 16 6.59 -5.78 -5.85
N ILE A 17 5.75 -5.00 -6.53
CA ILE A 17 4.36 -5.36 -6.81
C ILE A 17 4.38 -6.43 -7.90
N ILE A 18 3.79 -7.57 -7.60
CA ILE A 18 3.69 -8.70 -8.56
CA ILE A 18 3.72 -8.67 -8.57
C ILE A 18 2.27 -8.85 -9.04
N PHE A 19 1.32 -8.20 -8.43
CA PHE A 19 -0.07 -8.21 -8.89
C PHE A 19 -0.72 -6.91 -8.42
N ALA A 20 -1.45 -6.27 -9.35
CA ALA A 20 -2.25 -5.07 -9.04
C ALA A 20 -3.66 -5.26 -9.53
N SER A 21 -4.64 -5.07 -8.65
CA SER A 21 -6.05 -5.32 -9.06
C SER A 21 -6.58 -4.26 -10.00
N ASP A 22 -7.63 -4.63 -10.73
CA ASP A 22 -8.34 -3.69 -11.61
C ASP A 22 -8.74 -2.46 -10.79
N GLY A 23 -9.23 -2.66 -9.56
CA GLY A 23 -9.63 -1.53 -8.73
C GLY A 23 -8.47 -0.61 -8.38
N PHE A 24 -7.29 -1.14 -8.21
CA PHE A 24 -6.08 -0.33 -7.98
C PHE A 24 -5.77 0.50 -9.22
N LEU A 25 -5.87 -0.06 -10.39
CA LEU A 25 -5.62 0.70 -11.64
CA LEU A 25 -5.64 0.68 -11.66
C LEU A 25 -6.61 1.86 -11.73
N GLU A 26 -7.88 1.56 -11.43
CA GLU A 26 -8.89 2.60 -11.54
C GLU A 26 -8.68 3.71 -10.48
N LEU A 27 -8.35 3.34 -9.27
CA LEU A 27 -8.16 4.35 -8.22
C LEU A 27 -6.97 5.24 -8.56
N THR A 28 -5.87 4.62 -8.97
CA THR A 28 -4.60 5.32 -9.09
C THR A 28 -4.37 5.94 -10.48
N GLU A 29 -5.08 5.47 -11.47
CA GLU A 29 -5.04 5.89 -12.88
C GLU A 29 -3.80 5.33 -13.61
N TYR A 30 -3.00 4.50 -12.97
CA TYR A 30 -1.88 3.81 -13.66
C TYR A 30 -2.34 2.57 -14.40
N SER A 31 -1.65 2.22 -15.46
CA SER A 31 -1.82 0.95 -16.17
C SER A 31 -1.12 -0.14 -15.40
N ARG A 32 -1.55 -1.37 -15.62
CA ARG A 32 -0.91 -2.50 -14.96
C ARG A 32 0.54 -2.54 -15.35
N GLU A 33 0.81 -2.44 -16.65
CA GLU A 33 2.14 -2.69 -17.20
C GLU A 33 3.09 -1.71 -16.61
N GLU A 34 2.69 -0.52 -16.23
CA GLU A 34 3.63 0.50 -15.72
C GLU A 34 3.83 0.38 -14.19
N ILE A 35 3.02 -0.42 -13.47
CA ILE A 35 3.01 -0.63 -11.97
C ILE A 35 3.88 -1.82 -11.63
N LEU A 36 3.84 -2.86 -12.45
CA LEU A 36 4.41 -4.14 -12.05
C LEU A 36 5.88 -3.94 -11.76
N GLY A 37 6.35 -4.50 -10.66
CA GLY A 37 7.75 -4.43 -10.22
C GLY A 37 8.05 -3.19 -9.37
N ARG A 38 7.16 -2.23 -9.27
CA ARG A 38 7.57 -1.10 -8.45
CA ARG A 38 7.35 -1.01 -8.46
C ARG A 38 7.18 -1.36 -6.99
N ASN A 39 7.78 -0.58 -6.12
CA ASN A 39 7.41 -0.54 -4.71
C ASN A 39 6.22 0.40 -4.54
N GLY A 40 5.32 0.01 -3.66
CA GLY A 40 4.11 0.80 -3.39
C GLY A 40 4.32 2.25 -3.00
N ARG A 41 5.52 2.64 -2.59
CA ARG A 41 5.72 4.05 -2.22
C ARG A 41 5.67 4.98 -3.44
N PHE A 42 5.57 4.46 -4.65
CA PHE A 42 5.44 5.35 -5.82
C PHE A 42 4.20 6.21 -5.68
N LEU A 43 3.21 5.79 -4.91
CA LEU A 43 1.99 6.59 -4.77
C LEU A 43 2.17 7.80 -3.83
N GLN A 44 3.27 7.88 -3.13
CA GLN A 44 3.49 8.95 -2.17
C GLN A 44 3.97 10.21 -2.87
N GLY A 45 3.88 11.33 -2.15
CA GLY A 45 4.37 12.59 -2.71
C GLY A 45 4.52 13.58 -1.61
N PRO A 46 4.62 14.89 -1.96
CA PRO A 46 5.02 15.90 -1.00
C PRO A 46 4.22 15.91 0.30
N GLU A 47 2.91 15.77 0.23
CA GLU A 47 2.06 15.92 1.43
C GLU A 47 2.05 14.65 2.26
N THR A 48 2.63 13.56 1.76
CA THR A 48 2.61 12.32 2.56
C THR A 48 3.38 12.54 3.88
N ASP A 49 2.78 12.10 5.00
CA ASP A 49 3.39 12.22 6.33
C ASP A 49 4.52 11.19 6.44
N GLN A 50 5.76 11.63 6.57
CA GLN A 50 6.89 10.71 6.70
C GLN A 50 6.82 9.91 8.02
N ALA A 51 6.19 10.43 9.07
CA ALA A 51 6.04 9.65 10.31
C ALA A 51 5.18 8.41 10.03
N THR A 52 4.18 8.54 9.17
CA THR A 52 3.35 7.37 8.81
C THR A 52 4.17 6.40 7.95
N VAL A 53 4.94 6.93 7.00
CA VAL A 53 5.86 6.09 6.19
C VAL A 53 6.73 5.24 7.12
N GLN A 54 7.34 5.81 8.14
CA GLN A 54 8.22 5.07 9.05
C GLN A 54 7.42 3.99 9.77
N LYS A 55 6.18 4.23 10.20
CA LYS A 55 5.35 3.19 10.88
C LYS A 55 5.20 2.02 9.92
N ILE A 56 4.94 2.31 8.64
CA ILE A 56 4.81 1.21 7.63
C ILE A 56 6.11 0.40 7.53
N GLN A 57 7.22 1.09 7.39
CA GLN A 57 8.54 0.42 7.26
C GLN A 57 8.77 -0.51 8.47
N ASP A 58 8.37 -0.05 9.66
CA ASP A 58 8.61 -0.84 10.87
C ASP A 58 7.69 -2.07 10.85
N ALA A 59 6.43 -1.89 10.46
CA ALA A 59 5.50 -3.02 10.41
C ALA A 59 5.99 -4.05 9.40
N ILE A 60 6.50 -3.63 8.22
CA ILE A 60 6.98 -4.61 7.22
CA ILE A 60 6.99 -4.60 7.21
C ILE A 60 8.17 -5.37 7.82
N ARG A 61 9.10 -4.68 8.39
CA ARG A 61 10.30 -5.33 9.01
C ARG A 61 9.82 -6.37 10.02
N ASP A 62 8.88 -5.99 10.88
CA ASP A 62 8.36 -6.88 11.92
C ASP A 62 7.37 -7.94 11.41
N GLN A 63 7.00 -7.86 10.12
CA GLN A 63 6.01 -8.75 9.52
C GLN A 63 4.73 -8.72 10.31
N ARG A 64 4.26 -7.51 10.61
CA ARG A 64 3.02 -7.33 11.40
C ARG A 64 2.01 -6.56 10.54
N GLU A 65 0.77 -6.89 10.69
CA GLU A 65 -0.30 -6.17 10.00
CA GLU A 65 -0.40 -6.21 10.09
C GLU A 65 -0.36 -4.75 10.57
N ILE A 66 -0.76 -3.82 9.74
CA ILE A 66 -0.96 -2.41 10.17
C ILE A 66 -2.03 -1.80 9.29
N THR A 67 -2.73 -0.84 9.87
CA THR A 67 -3.60 0.04 9.08
C THR A 67 -3.13 1.47 9.34
N VAL A 68 -2.92 2.24 8.31
CA VAL A 68 -2.59 3.68 8.43
C VAL A 68 -3.47 4.44 7.44
N GLN A 69 -3.59 5.75 7.66
CA GLN A 69 -4.27 6.64 6.70
C GLN A 69 -3.20 7.62 6.26
N LEU A 70 -2.98 7.77 4.97
CA LEU A 70 -1.93 8.65 4.46
C LEU A 70 -2.33 9.22 3.10
N ILE A 71 -1.72 10.37 2.76
CA ILE A 71 -1.96 11.00 1.45
CA ILE A 71 -2.01 10.97 1.44
C ILE A 71 -1.19 10.25 0.35
N ASN A 72 -1.86 9.94 -0.72
CA ASN A 72 -1.28 9.35 -1.94
C ASN A 72 -1.76 10.21 -3.10
N TYR A 73 -1.16 9.90 -4.29
CA TYR A 73 -1.37 10.70 -5.50
C TYR A 73 -1.68 9.77 -6.65
N THR A 74 -2.63 10.19 -7.46
CA THR A 74 -2.91 9.48 -8.73
C THR A 74 -1.83 9.84 -9.75
N LYS A 75 -1.84 9.15 -10.86
CA LYS A 75 -0.87 9.38 -11.96
C LYS A 75 -1.00 10.84 -12.43
N SER A 76 -2.17 11.46 -12.39
CA SER A 76 -2.38 12.85 -12.86
C SER A 76 -2.06 13.82 -11.77
N GLY A 77 -1.61 13.34 -10.63
CA GLY A 77 -1.21 14.23 -9.54
C GLY A 77 -2.32 14.59 -8.56
N LYS A 78 -3.48 13.96 -8.64
CA LYS A 78 -4.57 14.26 -7.70
C LYS A 78 -4.31 13.59 -6.34
N LYS A 79 -4.42 14.35 -5.28
CA LYS A 79 -4.27 13.77 -3.93
C LYS A 79 -5.49 13.00 -3.50
N PHE A 80 -5.30 11.94 -2.77
CA PHE A 80 -6.41 11.22 -2.10
C PHE A 80 -5.90 10.70 -0.79
N TRP A 81 -6.80 10.65 0.19
CA TRP A 81 -6.51 9.95 1.45
C TRP A 81 -6.69 8.45 1.18
N ASN A 82 -5.68 7.69 1.59
CA ASN A 82 -5.66 6.23 1.47
C ASN A 82 -5.63 5.65 2.87
N LEU A 83 -6.72 4.96 3.26
CA LEU A 83 -6.72 4.06 4.41
C LEU A 83 -6.15 2.71 3.91
N LEU A 84 -4.89 2.48 4.25
CA LEU A 84 -4.09 1.35 3.73
C LEU A 84 -4.04 0.28 4.82
N HIS A 85 -4.51 -0.90 4.48
CA HIS A 85 -4.45 -2.10 5.35
CA HIS A 85 -4.48 -2.11 5.33
C HIS A 85 -3.42 -3.04 4.76
N LEU A 86 -2.31 -3.17 5.49
CA LEU A 86 -1.18 -4.05 5.04
CA LEU A 86 -1.19 -4.00 5.04
C LEU A 86 -1.20 -5.31 5.88
N GLN A 87 -1.14 -6.44 5.19
CA GLN A 87 -1.19 -7.71 5.90
C GLN A 87 -0.11 -8.64 5.36
N PRO A 88 0.74 -9.19 6.26
CA PRO A 88 1.61 -10.29 5.86
C PRO A 88 0.77 -11.52 5.55
N MET A 89 1.24 -12.33 4.58
CA MET A 89 0.58 -13.61 4.15
CA MET A 89 0.58 -13.61 4.34
C MET A 89 1.65 -14.69 4.32
N ARG A 90 1.38 -15.69 5.12
CA ARG A 90 2.32 -16.80 5.30
C ARG A 90 1.78 -18.05 4.65
N ASP A 91 2.66 -18.91 4.21
CA ASP A 91 2.24 -20.21 3.68
C ASP A 91 2.06 -21.18 4.84
N GLN A 92 1.64 -22.38 4.46
CA GLN A 92 1.35 -23.51 5.38
C GLN A 92 2.64 -23.99 6.04
N LYS A 93 3.82 -23.53 5.61
CA LYS A 93 5.12 -23.86 6.27
C LYS A 93 5.47 -22.75 7.27
N GLY A 94 4.61 -21.73 7.44
CA GLY A 94 4.84 -20.62 8.39
C GLY A 94 5.77 -19.55 7.84
N GLU A 95 6.10 -19.61 6.57
CA GLU A 95 7.06 -18.70 5.97
C GLU A 95 6.33 -17.56 5.27
N LEU A 96 6.84 -16.36 5.48
CA LEU A 96 6.30 -15.22 4.76
C LEU A 96 6.35 -15.47 3.26
N GLN A 97 5.24 -15.26 2.56
CA GLN A 97 5.17 -15.46 1.11
C GLN A 97 4.82 -14.16 0.41
N TYR A 98 3.94 -13.35 1.00
N TYR A 98 3.93 -13.33 0.94
CA TYR A 98 3.51 -12.07 0.38
CA TYR A 98 3.52 -12.10 0.24
C TYR A 98 3.28 -11.03 1.44
C TYR A 98 3.12 -11.09 1.30
N PHE A 99 3.15 -9.79 0.95
CA PHE A 99 2.30 -8.82 1.66
C PHE A 99 1.18 -8.44 0.70
N ILE A 100 0.01 -8.17 1.26
CA ILE A 100 -1.11 -7.58 0.51
C ILE A 100 -1.44 -6.25 1.13
N GLY A 101 -1.62 -5.23 0.31
CA GLY A 101 -2.11 -3.96 0.77
C GLY A 101 -3.38 -3.61 0.03
N VAL A 102 -4.40 -3.37 0.87
CA VAL A 102 -5.72 -2.97 0.40
C VAL A 102 -5.88 -1.48 0.64
N GLN A 103 -6.28 -0.74 -0.40
CA GLN A 103 -6.44 0.70 -0.31
C GLN A 103 -7.94 1.02 -0.31
N LEU A 104 -8.34 1.86 0.65
CA LEU A 104 -9.69 2.46 0.64
C LEU A 104 -9.50 3.97 0.55
N ASP A 105 -10.09 4.58 -0.44
CA ASP A 105 -9.98 6.04 -0.76
CA ASP A 105 -9.90 6.03 -0.67
C ASP A 105 -10.97 6.78 0.14
N GLY A 106 -10.51 7.65 1.01
CA GLY A 106 -11.42 8.50 1.78
C GLY A 106 -10.67 9.00 3.00
N GLU A 107 -11.14 10.17 3.46
CA GLU A 107 -10.63 10.77 4.73
C GLU A 107 -11.45 10.23 5.88
N PHE A 108 -11.29 8.96 6.17
CA PHE A 108 -12.12 8.24 7.15
C PHE A 108 -11.95 8.87 8.53
N ILE A 109 -10.70 9.02 8.93
CA ILE A 109 -10.35 9.70 10.19
C ILE A 109 -10.09 11.14 9.80
N PRO A 110 -10.82 12.14 10.32
CA PRO A 110 -10.52 13.51 9.99
C PRO A 110 -9.06 13.86 10.33
N ASN A 111 -8.38 14.54 9.40
CA ASN A 111 -6.95 14.95 9.54
C ASN A 111 -6.67 15.60 10.91
N PRO A 112 -7.54 16.47 11.49
CA PRO A 112 -7.25 17.04 12.81
C PRO A 112 -7.15 16.00 13.91
N LEU A 113 -7.84 14.87 13.76
CA LEU A 113 -7.75 13.81 14.76
C LEU A 113 -6.59 12.90 14.42
N LEU A 114 -6.26 12.72 13.15
CA LEU A 114 -5.22 11.75 12.73
C LEU A 114 -3.93 12.29 13.33
N ALA A 115 -3.83 13.61 13.37
CA ALA A 115 -2.60 14.32 13.72
C ALA A 115 -2.32 14.28 15.23
N LEU A 116 -3.17 13.71 16.11
CA LEU A 116 -2.98 13.87 17.59
C LEU A 116 -2.00 12.83 18.11
#